data_9FSN
#
_entry.id   9FSN
#
_cell.length_a   86.450
_cell.length_b   86.450
_cell.length_c   147.220
_cell.angle_alpha   90.000
_cell.angle_beta   90.000
_cell.angle_gamma   90.000
#
_symmetry.space_group_name_H-M   'P 41 21 2'
#
loop_
_entity.id
_entity.type
_entity.pdbx_description
1 polymer 'Hypoxia-inducible factor 1-alpha inhibitor'
2 non-polymer 'MANGANESE (II) ION'
3 non-polymer Enarodustat
4 water water
#
_entity_poly.entity_id   1
_entity_poly.type   'polypeptide(L)'
_entity_poly.pdbx_seq_one_letter_code
;SMAATAAEAVASGSGEPREEAGALGPAWDESQLRSYSFPTRPIPRLSQSDPRAEELIENEEPVVLTDTNLVYPALKWDLE
YLQENIGNGDFSVYSASTHKFLYYDEKKMANFQNFKPRSNREEMKFHEFVEKLQDIQQRGGEERLYLQQTLNDTVGRKIV
MDFLGFNWNWINKQQGKRGWGQLTSNLLLIGMEGNVTPAHYDEQQNFFAQIKGYKRCILFPPDQFECLYPYPVHHPCDRQ
SQVDFDNPDYERFPNFQNVVGYETVVGPGDVLYIPMYWWHHIESLLNGGITITVNFWYKGAPTPKRIEYPLKAHQKVAIM
RNIEKMLGEALGNPQEVGPLLNTMIKGRYN
;
_entity_poly.pdbx_strand_id   A
#
# COMPACT_ATOMS: atom_id res chain seq x y z
N GLY A 15 -8.74 -15.62 7.43
CA GLY A 15 -9.51 -16.11 8.56
C GLY A 15 -8.69 -16.95 9.51
N GLU A 16 -8.99 -18.24 9.56
CA GLU A 16 -8.22 -19.16 10.38
C GLU A 16 -6.79 -19.23 9.86
N PRO A 17 -5.80 -19.26 10.74
CA PRO A 17 -4.39 -19.23 10.28
C PRO A 17 -4.04 -20.51 9.53
N ARG A 18 -3.37 -20.34 8.40
CA ARG A 18 -2.93 -21.47 7.60
C ARG A 18 -1.79 -22.21 8.31
N GLU A 19 -1.59 -23.46 7.91
CA GLU A 19 -0.56 -24.32 8.48
C GLU A 19 0.60 -24.43 7.50
N GLU A 20 1.81 -24.16 8.01
CA GLU A 20 3.00 -24.34 7.19
C GLU A 20 3.17 -25.82 6.85
N ALA A 21 3.69 -26.07 5.64
CA ALA A 21 3.97 -27.44 5.24
C ALA A 21 5.03 -28.05 6.15
N GLY A 22 5.00 -29.36 6.28
CA GLY A 22 5.96 -30.07 7.11
C GLY A 22 5.66 -30.05 8.60
N ALA A 23 4.39 -29.87 8.99
CA ALA A 23 3.98 -29.80 10.39
C ALA A 23 4.76 -28.76 11.16
N LEU A 24 5.14 -27.67 10.49
CA LEU A 24 5.90 -26.59 11.11
C LEU A 24 5.02 -25.65 11.94
N GLY A 25 3.73 -25.94 12.09
CA GLY A 25 2.87 -25.17 12.95
C GLY A 25 2.15 -24.05 12.23
N PRO A 26 1.26 -23.34 12.94
CA PRO A 26 0.54 -22.23 12.32
C PRO A 26 1.49 -21.12 11.89
N ALA A 27 1.23 -20.53 10.73
CA ALA A 27 2.08 -19.47 10.22
C ALA A 27 2.04 -18.23 11.12
N TRP A 28 0.91 -18.00 11.79
CA TRP A 28 0.73 -16.86 12.66
C TRP A 28 -0.43 -17.16 13.58
N ASP A 29 -0.59 -16.33 14.61
CA ASP A 29 -1.71 -16.47 15.53
C ASP A 29 -2.36 -15.10 15.74
N GLU A 30 -3.52 -15.13 16.39
CA GLU A 30 -4.36 -13.94 16.47
C GLU A 30 -3.68 -12.80 17.22
N SER A 31 -2.82 -13.13 18.19
CA SER A 31 -2.17 -12.10 18.99
C SER A 31 -1.23 -11.21 18.18
N GLN A 32 -0.88 -11.61 16.96
CA GLN A 32 -0.03 -10.80 16.09
C GLN A 32 -0.81 -9.80 15.27
N LEU A 33 -2.14 -9.84 15.30
CA LEU A 33 -2.96 -8.87 14.60
C LEU A 33 -3.37 -7.75 15.55
N ARG A 34 -3.29 -6.52 15.06
CA ARG A 34 -3.82 -5.39 15.82
C ARG A 34 -5.34 -5.39 15.79
N SER A 35 -5.93 -4.83 16.85
CA SER A 35 -7.38 -4.83 17.02
C SER A 35 -7.94 -3.49 16.58
N TYR A 36 -8.96 -3.54 15.72
CA TYR A 36 -9.59 -2.35 15.18
C TYR A 36 -11.09 -2.43 15.43
N SER A 37 -11.79 -1.34 15.09
CA SER A 37 -13.17 -1.13 15.49
C SER A 37 -14.18 -1.57 14.43
N PHE A 38 -13.75 -1.99 13.25
CA PHE A 38 -14.63 -2.28 12.13
C PHE A 38 -14.63 -3.77 11.78
N PRO A 39 -15.70 -4.27 11.17
CA PRO A 39 -15.71 -5.67 10.73
C PRO A 39 -15.03 -5.83 9.38
N THR A 40 -14.60 -7.06 9.11
CA THR A 40 -13.97 -7.41 7.84
C THR A 40 -14.43 -8.80 7.41
N ARG A 41 -14.24 -9.08 6.13
CA ARG A 41 -14.47 -10.39 5.55
C ARG A 41 -13.32 -10.75 4.64
N PRO A 42 -13.09 -12.04 4.42
CA PRO A 42 -11.85 -12.46 3.73
C PRO A 42 -11.84 -12.12 2.25
N ILE A 43 -10.63 -11.81 1.77
CA ILE A 43 -10.33 -11.72 0.35
C ILE A 43 -10.14 -13.14 -0.17
N PRO A 44 -10.68 -13.49 -1.34
CA PRO A 44 -10.51 -14.86 -1.83
C PRO A 44 -9.05 -15.21 -2.09
N ARG A 45 -8.66 -16.40 -1.64
CA ARG A 45 -7.37 -16.99 -1.97
C ARG A 45 -7.59 -18.04 -3.05
N LEU A 46 -7.03 -17.81 -4.24
CA LEU A 46 -7.34 -18.64 -5.39
C LEU A 46 -6.08 -18.93 -6.19
N SER A 47 -6.15 -20.01 -6.97
CA SER A 47 -5.09 -20.30 -7.93
C SER A 47 -5.19 -19.37 -9.13
N GLN A 48 -4.03 -19.06 -9.72
CA GLN A 48 -4.02 -18.17 -10.88
C GLN A 48 -4.67 -18.83 -12.10
N SER A 49 -4.78 -20.16 -12.12
CA SER A 49 -5.47 -20.86 -13.19
C SER A 49 -6.97 -20.94 -12.97
N ASP A 50 -7.47 -20.39 -11.86
CA ASP A 50 -8.89 -20.42 -11.56
C ASP A 50 -9.59 -19.30 -12.33
N PRO A 51 -10.63 -19.60 -13.12
CA PRO A 51 -11.39 -18.54 -13.80
C PRO A 51 -11.90 -17.46 -12.85
N ARG A 52 -12.30 -17.83 -11.64
CA ARG A 52 -12.78 -16.84 -10.67
C ARG A 52 -11.74 -15.76 -10.40
N ALA A 53 -10.46 -16.13 -10.40
CA ALA A 53 -9.41 -15.14 -10.17
C ALA A 53 -9.34 -14.14 -11.32
N GLU A 54 -9.35 -14.63 -12.55
CA GLU A 54 -9.38 -13.73 -13.70
C GLU A 54 -10.62 -12.84 -13.68
N GLU A 55 -11.76 -13.40 -13.27
CA GLU A 55 -13.00 -12.62 -13.23
C GLU A 55 -12.90 -11.48 -12.21
N LEU A 56 -12.27 -11.75 -11.06
CA LEU A 56 -12.13 -10.73 -10.03
C LEU A 56 -11.23 -9.59 -10.49
N ILE A 57 -10.08 -9.94 -11.07
CA ILE A 57 -9.14 -8.91 -11.54
C ILE A 57 -9.79 -8.05 -12.62
N GLU A 58 -10.54 -8.68 -13.53
CA GLU A 58 -11.20 -7.93 -14.59
C GLU A 58 -12.27 -6.99 -14.05
N ASN A 59 -12.94 -7.39 -12.97
CA ASN A 59 -13.96 -6.56 -12.35
C ASN A 59 -13.39 -5.61 -11.30
N GLU A 60 -12.06 -5.49 -11.22
CA GLU A 60 -11.39 -4.58 -10.28
C GLU A 60 -11.75 -4.89 -8.83
N GLU A 61 -11.74 -6.17 -8.48
CA GLU A 61 -11.92 -6.62 -7.11
C GLU A 61 -10.69 -7.37 -6.64
N PRO A 62 -10.35 -7.28 -5.36
CA PRO A 62 -9.08 -7.87 -4.89
C PRO A 62 -9.16 -9.39 -4.84
N VAL A 63 -7.99 -10.01 -4.99
CA VAL A 63 -7.84 -11.45 -4.93
C VAL A 63 -6.40 -11.75 -4.54
N VAL A 64 -6.23 -12.83 -3.78
CA VAL A 64 -4.90 -13.35 -3.47
C VAL A 64 -4.66 -14.56 -4.35
N LEU A 65 -3.62 -14.47 -5.18
CA LEU A 65 -3.18 -15.58 -6.02
C LEU A 65 -2.03 -16.28 -5.32
N THR A 66 -2.14 -17.59 -5.17
CA THR A 66 -1.22 -18.35 -4.32
C THR A 66 -0.10 -19.03 -5.09
N ASP A 67 -0.13 -19.04 -6.42
CA ASP A 67 0.76 -19.91 -7.18
C ASP A 67 1.18 -19.26 -8.49
N THR A 68 1.42 -17.95 -8.48
CA THR A 68 1.85 -17.29 -9.70
C THR A 68 3.32 -17.52 -10.00
N ASN A 69 4.11 -17.85 -8.97
CA ASN A 69 5.58 -17.87 -9.06
C ASN A 69 6.13 -16.51 -9.50
N LEU A 70 5.39 -15.43 -9.20
CA LEU A 70 5.76 -14.12 -9.70
C LEU A 70 7.15 -13.71 -9.25
N VAL A 71 7.49 -13.96 -7.98
CA VAL A 71 8.79 -13.57 -7.46
C VAL A 71 9.52 -14.77 -6.88
N TYR A 72 9.30 -15.95 -7.48
CA TYR A 72 9.90 -17.20 -6.99
C TYR A 72 11.39 -17.10 -6.68
N PRO A 73 12.26 -16.57 -7.56
CA PRO A 73 13.68 -16.54 -7.24
C PRO A 73 14.01 -15.65 -6.06
N ALA A 74 13.11 -14.75 -5.68
CA ALA A 74 13.34 -13.86 -4.55
C ALA A 74 12.93 -14.48 -3.22
N LEU A 75 12.36 -15.69 -3.22
CA LEU A 75 11.94 -16.30 -1.97
C LEU A 75 13.12 -16.67 -1.08
N LYS A 76 14.33 -16.72 -1.63
CA LYS A 76 15.52 -16.96 -0.83
C LYS A 76 16.12 -15.68 -0.27
N TRP A 77 15.51 -14.53 -0.54
CA TRP A 77 16.02 -13.25 -0.07
C TRP A 77 15.84 -13.12 1.43
N ASP A 78 16.93 -12.81 2.13
CA ASP A 78 16.87 -12.30 3.50
C ASP A 78 17.93 -11.20 3.62
N LEU A 79 18.13 -10.72 4.84
CA LEU A 79 19.08 -9.63 5.06
C LEU A 79 20.51 -10.07 4.73
N GLU A 80 20.88 -11.30 5.10
CA GLU A 80 22.22 -11.78 4.83
C GLU A 80 22.47 -11.92 3.33
N TYR A 81 21.54 -12.56 2.61
CA TYR A 81 21.70 -12.75 1.18
C TYR A 81 21.73 -11.41 0.44
N LEU A 82 20.82 -10.50 0.81
CA LEU A 82 20.75 -9.22 0.11
C LEU A 82 21.98 -8.37 0.38
N GLN A 83 22.43 -8.29 1.64
CA GLN A 83 23.58 -7.45 1.97
C GLN A 83 24.81 -7.82 1.17
N GLU A 84 24.99 -9.10 0.84
CA GLU A 84 26.20 -9.52 0.16
C GLU A 84 26.08 -9.43 -1.36
N ASN A 85 24.86 -9.37 -1.91
CA ASN A 85 24.66 -9.41 -3.35
C ASN A 85 24.01 -8.17 -3.93
N ILE A 86 23.43 -7.29 -3.13
CA ILE A 86 22.78 -6.10 -3.67
C ILE A 86 23.77 -5.00 -4.05
N GLY A 87 25.02 -5.10 -3.60
CA GLY A 87 26.02 -4.12 -3.99
C GLY A 87 26.21 -3.03 -2.96
N ASN A 88 27.13 -2.13 -3.27
CA ASN A 88 27.52 -1.06 -2.35
C ASN A 88 26.93 0.29 -2.78
N GLY A 89 25.64 0.29 -3.10
CA GLY A 89 24.93 1.51 -3.45
C GLY A 89 24.19 2.10 -2.24
N ASP A 90 23.58 3.26 -2.48
CA ASP A 90 22.79 3.93 -1.46
C ASP A 90 21.32 3.54 -1.57
N PHE A 91 20.69 3.36 -0.43
CA PHE A 91 19.28 2.95 -0.36
C PHE A 91 18.51 3.93 0.52
N SER A 92 17.26 4.16 0.15
CA SER A 92 16.39 5.11 0.85
C SER A 92 15.70 4.40 2.01
N VAL A 93 16.01 4.82 3.23
CA VAL A 93 15.46 4.24 4.44
C VAL A 93 14.56 5.26 5.11
N TYR A 94 13.28 4.91 5.23
CA TYR A 94 12.31 5.78 5.90
C TYR A 94 12.22 5.42 7.37
N SER A 95 12.11 6.44 8.22
CA SER A 95 12.15 6.28 9.66
C SER A 95 10.89 6.85 10.29
N ALA A 96 10.41 6.19 11.34
CA ALA A 96 9.22 6.62 12.06
C ALA A 96 9.42 6.38 13.55
N SER A 97 8.86 7.29 14.36
CA SER A 97 8.99 7.18 15.80
C SER A 97 8.03 6.16 16.39
N THR A 98 6.86 6.00 15.79
CA THR A 98 5.86 5.03 16.22
C THR A 98 5.81 3.88 15.22
N HIS A 99 4.80 3.03 15.37
CA HIS A 99 4.59 1.96 14.40
C HIS A 99 3.98 2.47 13.10
N LYS A 100 3.29 3.61 13.15
CA LYS A 100 2.63 4.16 11.97
C LYS A 100 3.65 4.95 11.15
N PHE A 101 3.82 4.56 9.89
CA PHE A 101 4.67 5.29 8.96
C PHE A 101 3.83 6.35 8.25
N LEU A 102 4.12 7.61 8.54
CA LEU A 102 3.33 8.75 8.05
C LEU A 102 4.08 9.39 6.90
N TYR A 103 3.85 8.90 5.69
CA TYR A 103 4.46 9.45 4.49
C TYR A 103 3.79 10.77 4.11
N TYR A 104 4.52 11.61 3.36
CA TYR A 104 4.01 12.90 2.95
C TYR A 104 4.69 13.36 1.67
N ASP A 105 4.00 14.27 0.98
CA ASP A 105 4.46 14.85 -0.28
C ASP A 105 5.15 16.17 0.03
N GLU A 106 6.48 16.21 -0.11
CA GLU A 106 7.23 17.42 0.21
C GLU A 106 6.84 18.57 -0.69
N LYS A 107 6.45 18.27 -1.94
CA LYS A 107 6.08 19.33 -2.88
C LYS A 107 4.87 20.12 -2.41
N LYS A 108 3.98 19.48 -1.65
CA LYS A 108 2.76 20.14 -1.17
C LYS A 108 2.92 20.76 0.21
N MET A 109 4.12 20.71 0.78
CA MET A 109 4.34 21.29 2.11
C MET A 109 4.19 22.81 2.08
N ALA A 110 4.38 23.43 0.91
CA ALA A 110 4.24 24.88 0.82
C ALA A 110 2.80 25.31 1.06
N ASN A 111 1.83 24.47 0.70
CA ASN A 111 0.43 24.82 0.90
C ASN A 111 0.04 24.85 2.37
N PHE A 112 0.74 24.10 3.23
CA PHE A 112 0.38 23.92 4.64
C PHE A 112 1.62 24.19 5.49
N GLN A 113 1.87 25.47 5.78
CA GLN A 113 3.07 25.84 6.53
C GLN A 113 3.07 25.28 7.94
N ASN A 114 1.92 24.88 8.48
CA ASN A 114 1.83 24.32 9.81
C ASN A 114 1.88 22.79 9.82
N PHE A 115 2.11 22.16 8.68
CA PHE A 115 2.28 20.71 8.63
C PHE A 115 3.67 20.35 9.16
N LYS A 116 3.71 19.50 10.18
CA LYS A 116 4.97 19.06 10.75
C LYS A 116 5.20 17.60 10.38
N PRO A 117 6.25 17.28 9.63
CA PRO A 117 6.47 15.90 9.20
C PRO A 117 6.80 15.00 10.38
N ARG A 118 6.23 13.79 10.35
CA ARG A 118 6.50 12.78 11.36
C ARG A 118 7.47 11.70 10.88
N SER A 119 7.49 11.42 9.59
CA SER A 119 8.44 10.47 9.03
C SER A 119 9.67 11.21 8.48
N ASN A 120 10.73 10.45 8.25
CA ASN A 120 12.01 11.02 7.82
C ASN A 120 12.73 10.00 6.95
N ARG A 121 13.35 10.48 5.88
CA ARG A 121 14.09 9.65 4.94
C ARG A 121 15.59 9.88 5.11
N GLU A 122 16.36 8.83 4.84
CA GLU A 122 17.82 8.90 4.95
C GLU A 122 18.44 7.88 4.01
N GLU A 123 19.54 8.26 3.37
CA GLU A 123 20.25 7.41 2.42
C GLU A 123 21.46 6.79 3.10
N MET A 124 21.65 5.49 2.90
CA MET A 124 22.73 4.76 3.55
C MET A 124 23.02 3.49 2.76
N LYS A 125 24.14 2.85 3.10
CA LYS A 125 24.47 1.55 2.55
C LYS A 125 23.52 0.49 3.12
N PHE A 126 23.53 -0.68 2.50
CA PHE A 126 22.64 -1.74 2.98
C PHE A 126 23.08 -2.26 4.35
N HIS A 127 24.39 -2.35 4.59
CA HIS A 127 24.85 -2.79 5.90
C HIS A 127 24.54 -1.75 6.97
N GLU A 128 24.55 -0.47 6.61
CA GLU A 128 24.09 0.56 7.55
C GLU A 128 22.63 0.33 7.92
N PHE A 129 21.82 -0.10 6.96
CA PHE A 129 20.42 -0.41 7.24
C PHE A 129 20.31 -1.63 8.14
N VAL A 130 21.10 -2.67 7.87
CA VAL A 130 21.07 -3.88 8.68
C VAL A 130 21.49 -3.56 10.12
N GLU A 131 22.57 -2.80 10.27
CA GLU A 131 23.11 -2.53 11.60
C GLU A 131 22.15 -1.67 12.41
N LYS A 132 21.62 -0.59 11.81
CA LYS A 132 20.63 0.21 12.50
C LYS A 132 19.37 -0.59 12.81
N LEU A 133 19.05 -1.58 11.97
CA LEU A 133 17.94 -2.48 12.29
C LEU A 133 18.25 -3.32 13.51
N GLN A 134 19.41 -3.98 13.52
CA GLN A 134 19.78 -4.84 14.64
C GLN A 134 19.90 -4.05 15.94
N ASP A 135 20.46 -2.83 15.87
CA ASP A 135 20.64 -2.02 17.05
C ASP A 135 19.30 -1.66 17.70
N ILE A 136 18.30 -1.36 16.89
CA ILE A 136 16.98 -1.00 17.43
C ILE A 136 16.35 -2.20 18.12
N GLN A 137 16.50 -3.39 17.54
CA GLN A 137 15.98 -4.59 18.18
C GLN A 137 16.72 -4.90 19.47
N GLN A 138 18.00 -4.56 19.53
CA GLN A 138 18.81 -4.83 20.72
C GLN A 138 18.32 -4.00 21.92
N ARG A 139 18.15 -2.70 21.71
CA ARG A 139 17.66 -1.82 22.77
C ARG A 139 16.14 -1.78 22.86
N GLY A 140 15.43 -2.36 21.90
CA GLY A 140 13.99 -2.34 21.88
C GLY A 140 13.42 -0.94 21.93
N GLY A 141 13.85 -0.08 21.02
CA GLY A 141 13.54 1.34 21.08
C GLY A 141 12.25 1.76 20.42
N GLU A 142 11.42 0.83 19.96
CA GLU A 142 10.13 1.15 19.34
C GLU A 142 10.26 2.03 18.10
N GLU A 143 11.48 2.43 17.76
CA GLU A 143 11.73 3.13 16.51
C GLU A 143 11.72 2.12 15.37
N ARG A 144 11.03 2.45 14.29
CA ARG A 144 10.85 1.50 13.20
C ARG A 144 11.32 2.10 11.88
N LEU A 145 11.71 1.21 10.96
CA LEU A 145 12.34 1.60 9.70
C LEU A 145 11.70 0.86 8.53
N TYR A 146 11.83 1.45 7.35
CA TYR A 146 11.27 0.89 6.12
C TYR A 146 12.22 1.24 4.98
N LEU A 147 12.70 0.22 4.27
CA LEU A 147 13.59 0.41 3.13
C LEU A 147 12.81 0.29 1.84
N GLN A 148 13.07 1.20 0.91
CA GLN A 148 12.42 1.22 -0.39
C GLN A 148 13.49 1.35 -1.46
N GLN A 149 13.40 0.53 -2.50
CA GLN A 149 14.43 0.51 -3.53
C GLN A 149 13.86 -0.07 -4.82
N THR A 150 14.20 0.57 -5.94
CA THR A 150 13.72 0.15 -7.25
C THR A 150 14.60 -0.97 -7.80
N LEU A 151 13.96 -2.02 -8.30
CA LEU A 151 14.68 -3.15 -8.88
C LEU A 151 15.03 -2.84 -10.32
N ASN A 152 16.24 -2.34 -10.55
CA ASN A 152 16.74 -2.09 -11.89
C ASN A 152 18.19 -2.55 -11.95
N ASP A 153 18.93 -2.07 -12.95
CA ASP A 153 20.30 -2.51 -13.15
C ASP A 153 21.30 -1.81 -12.24
N THR A 154 20.85 -0.93 -11.34
CA THR A 154 21.76 -0.30 -10.40
C THR A 154 22.12 -1.20 -9.23
N VAL A 155 21.35 -2.27 -9.00
CA VAL A 155 21.64 -3.23 -7.95
C VAL A 155 22.64 -4.25 -8.46
N GLY A 156 23.11 -5.13 -7.59
CA GLY A 156 24.16 -6.07 -7.93
C GLY A 156 23.73 -7.12 -8.94
N ARG A 157 24.74 -7.85 -9.43
CA ARG A 157 24.52 -8.82 -10.50
C ARG A 157 23.60 -9.95 -10.06
N LYS A 158 23.85 -10.53 -8.88
CA LYS A 158 23.05 -11.66 -8.42
C LYS A 158 21.59 -11.27 -8.19
N ILE A 159 21.34 -10.05 -7.73
CA ILE A 159 19.96 -9.58 -7.59
C ILE A 159 19.33 -9.38 -8.96
N VAL A 160 20.11 -8.91 -9.94
CA VAL A 160 19.59 -8.74 -11.28
C VAL A 160 19.18 -10.10 -11.86
N MET A 161 19.99 -11.13 -11.64
CA MET A 161 19.62 -12.48 -12.05
C MET A 161 18.27 -12.88 -11.44
N ASP A 162 18.10 -12.64 -10.15
CA ASP A 162 16.84 -12.97 -9.49
C ASP A 162 15.69 -12.17 -10.08
N PHE A 163 15.88 -10.85 -10.21
CA PHE A 163 14.86 -9.98 -10.76
C PHE A 163 14.45 -10.40 -12.17
N LEU A 164 15.43 -10.77 -13.00
CA LEU A 164 15.13 -11.30 -14.33
C LEU A 164 14.34 -12.59 -14.26
N GLY A 165 14.43 -13.33 -13.16
CA GLY A 165 13.74 -14.58 -12.96
C GLY A 165 12.31 -14.48 -12.49
N PHE A 166 11.79 -13.27 -12.31
CA PHE A 166 10.39 -13.12 -11.98
C PHE A 166 9.53 -13.67 -13.11
N ASN A 167 8.28 -14.01 -12.80
CA ASN A 167 7.37 -14.53 -13.83
C ASN A 167 6.85 -13.35 -14.65
N TRP A 168 7.73 -12.84 -15.50
CA TRP A 168 7.34 -11.74 -16.38
C TRP A 168 6.31 -12.19 -17.40
N ASN A 169 6.33 -13.48 -17.77
CA ASN A 169 5.31 -13.99 -18.69
C ASN A 169 3.91 -13.83 -18.10
N TRP A 170 3.73 -14.18 -16.82
CA TRP A 170 2.41 -14.09 -16.22
C TRP A 170 1.96 -12.64 -16.09
N ILE A 171 2.83 -11.78 -15.57
CA ILE A 171 2.39 -10.41 -15.28
C ILE A 171 2.27 -9.59 -16.56
N ASN A 172 3.04 -9.91 -17.60
CA ASN A 172 2.86 -9.22 -18.87
C ASN A 172 1.51 -9.57 -19.48
N LYS A 173 1.09 -10.83 -19.36
CA LYS A 173 -0.21 -11.22 -19.91
C LYS A 173 -1.34 -10.56 -19.15
N GLN A 174 -1.21 -10.45 -17.83
CA GLN A 174 -2.18 -9.71 -17.03
C GLN A 174 -2.31 -8.27 -17.51
N GLN A 175 -1.16 -7.59 -17.66
CA GLN A 175 -1.15 -6.23 -18.19
C GLN A 175 -1.83 -6.16 -19.55
N GLY A 176 -1.58 -7.15 -20.41
CA GLY A 176 -2.20 -7.16 -21.72
C GLY A 176 -3.70 -7.37 -21.64
N LYS A 177 -4.13 -8.38 -20.87
CA LYS A 177 -5.55 -8.71 -20.82
C LYS A 177 -6.39 -7.57 -20.25
N ARG A 178 -5.91 -6.94 -19.17
CA ARG A 178 -6.68 -5.86 -18.55
C ARG A 178 -6.60 -4.55 -19.31
N GLY A 179 -5.75 -4.46 -20.34
CA GLY A 179 -5.59 -3.21 -21.05
C GLY A 179 -4.87 -2.14 -20.27
N TRP A 180 -4.12 -2.52 -19.25
CA TRP A 180 -3.43 -1.55 -18.41
C TRP A 180 -2.36 -0.80 -19.20
N GLY A 181 -1.92 0.31 -18.64
CA GLY A 181 -0.80 1.06 -19.16
C GLY A 181 0.52 0.42 -18.79
N GLN A 182 1.56 1.24 -18.82
CA GLN A 182 2.93 0.76 -18.66
C GLN A 182 3.25 0.48 -17.18
N LEU A 183 4.12 -0.50 -16.96
CA LEU A 183 4.67 -0.74 -15.63
C LEU A 183 5.37 0.52 -15.14
N THR A 184 4.82 1.15 -14.10
CA THR A 184 5.34 2.43 -13.63
C THR A 184 6.53 2.25 -12.70
N SER A 185 6.44 1.31 -11.76
CA SER A 185 7.47 1.16 -10.73
C SER A 185 7.47 -0.27 -10.21
N ASN A 186 8.65 -0.72 -9.78
CA ASN A 186 8.84 -2.08 -9.27
C ASN A 186 9.71 -1.95 -8.02
N LEU A 187 9.08 -2.02 -6.85
CA LEU A 187 9.68 -1.54 -5.61
C LEU A 187 9.95 -2.69 -4.64
N LEU A 188 11.18 -2.75 -4.14
CA LEU A 188 11.52 -3.67 -3.07
C LEU A 188 11.26 -2.99 -1.72
N LEU A 189 10.56 -3.69 -0.83
CA LEU A 189 10.13 -3.13 0.45
C LEU A 189 10.54 -4.07 1.57
N ILE A 190 11.40 -3.58 2.46
CA ILE A 190 11.87 -4.34 3.61
C ILE A 190 11.45 -3.60 4.87
N GLY A 191 10.72 -4.30 5.75
CA GLY A 191 10.16 -3.67 6.93
C GLY A 191 10.49 -4.44 8.21
N MET A 192 10.10 -3.83 9.33
CA MET A 192 10.28 -4.41 10.65
C MET A 192 8.93 -4.88 11.18
N GLU A 193 8.99 -5.81 12.15
N GLU A 193 8.99 -5.81 12.15
CA GLU A 193 7.77 -6.33 12.75
CA GLU A 193 7.77 -6.31 12.76
C GLU A 193 6.96 -5.22 13.41
C GLU A 193 6.97 -5.16 13.35
N GLY A 194 5.65 -5.22 13.17
CA GLY A 194 4.76 -4.21 13.69
C GLY A 194 4.58 -2.99 12.81
N ASN A 195 5.37 -2.85 11.75
CA ASN A 195 5.25 -1.69 10.86
C ASN A 195 3.85 -1.60 10.28
N VAL A 196 3.31 -0.38 10.24
CA VAL A 196 1.98 -0.12 9.70
C VAL A 196 2.08 0.99 8.67
N THR A 197 1.60 0.71 7.46
CA THR A 197 1.35 1.76 6.48
C THR A 197 -0.14 2.08 6.54
N PRO A 198 -0.52 3.27 7.00
CA PRO A 198 -1.94 3.54 7.25
C PRO A 198 -2.76 3.57 5.97
N ALA A 199 -4.09 3.53 6.16
CA ALA A 199 -5.02 3.44 5.05
C ALA A 199 -4.84 4.59 4.07
N HIS A 200 -4.77 4.24 2.79
CA HIS A 200 -4.63 5.21 1.70
C HIS A 200 -5.04 4.51 0.42
N TYR A 201 -5.28 5.31 -0.62
CA TYR A 201 -5.58 4.77 -1.93
C TYR A 201 -4.59 5.30 -2.96
N ASP A 202 -4.42 4.51 -4.02
CA ASP A 202 -3.53 4.86 -5.12
C ASP A 202 -4.32 4.94 -6.41
N GLU A 203 -3.80 5.74 -7.34
CA GLU A 203 -4.41 5.91 -8.66
C GLU A 203 -3.78 5.00 -9.71
N GLN A 204 -3.22 3.87 -9.30
CA GLN A 204 -2.65 2.90 -10.21
C GLN A 204 -3.03 1.49 -9.77
N GLN A 205 -2.93 0.55 -10.71
CA GLN A 205 -3.12 -0.86 -10.40
C GLN A 205 -1.86 -1.42 -9.75
N ASN A 206 -2.05 -2.39 -8.86
CA ASN A 206 -0.95 -2.91 -8.07
C ASN A 206 -1.03 -4.41 -7.92
N PHE A 207 0.12 -5.07 -8.07
CA PHE A 207 0.32 -6.44 -7.63
C PHE A 207 1.30 -6.44 -6.47
N PHE A 208 0.88 -6.99 -5.34
CA PHE A 208 1.59 -6.95 -4.07
C PHE A 208 2.16 -8.35 -3.83
N ALA A 209 3.47 -8.51 -4.06
CA ALA A 209 4.11 -9.83 -4.07
C ALA A 209 4.92 -10.02 -2.78
N GLN A 210 4.40 -10.87 -1.90
CA GLN A 210 5.04 -11.10 -0.61
C GLN A 210 6.16 -12.13 -0.72
N ILE A 211 7.22 -11.93 0.07
CA ILE A 211 8.45 -12.69 -0.09
C ILE A 211 8.90 -13.31 1.23
N LYS A 212 8.96 -12.50 2.28
CA LYS A 212 9.40 -12.96 3.59
C LYS A 212 8.49 -12.39 4.66
N GLY A 213 8.10 -13.24 5.60
CA GLY A 213 7.22 -12.82 6.66
C GLY A 213 5.80 -12.62 6.16
N TYR A 214 4.95 -12.14 7.07
CA TYR A 214 3.52 -12.05 6.82
C TYR A 214 3.05 -10.62 7.05
N LYS A 215 2.13 -10.18 6.19
CA LYS A 215 1.58 -8.84 6.27
C LYS A 215 0.07 -8.91 6.13
N ARG A 216 -0.62 -8.26 7.05
CA ARG A 216 -2.08 -8.23 7.07
C ARG A 216 -2.54 -7.03 6.23
N CYS A 217 -3.29 -7.31 5.18
CA CYS A 217 -3.79 -6.28 4.26
C CYS A 217 -5.28 -6.11 4.48
N ILE A 218 -5.70 -4.88 4.78
CA ILE A 218 -7.11 -4.55 4.97
C ILE A 218 -7.49 -3.55 3.88
N LEU A 219 -8.41 -3.96 3.01
CA LEU A 219 -8.80 -3.16 1.85
C LEU A 219 -10.24 -2.67 2.00
N PHE A 220 -10.50 -1.47 1.49
CA PHE A 220 -11.83 -0.88 1.51
C PHE A 220 -12.19 -0.45 0.09
N PRO A 221 -13.40 -0.76 -0.38
CA PRO A 221 -13.79 -0.39 -1.75
C PRO A 221 -13.81 1.12 -1.92
N PRO A 222 -13.72 1.61 -3.16
CA PRO A 222 -13.76 3.07 -3.36
C PRO A 222 -15.03 3.73 -2.86
N ASP A 223 -16.15 2.99 -2.77
CA ASP A 223 -17.38 3.63 -2.31
C ASP A 223 -17.39 3.88 -0.80
N GLN A 224 -16.29 3.58 -0.11
CA GLN A 224 -16.13 3.90 1.31
C GLN A 224 -15.47 5.25 1.51
N PHE A 225 -15.34 6.04 0.46
CA PHE A 225 -14.77 7.39 0.55
C PHE A 225 -15.37 8.18 1.71
N GLU A 226 -16.70 8.13 1.83
CA GLU A 226 -17.38 8.92 2.85
C GLU A 226 -17.09 8.43 4.27
N CYS A 227 -16.62 7.19 4.43
CA CYS A 227 -16.32 6.67 5.76
C CYS A 227 -14.86 6.83 6.16
N LEU A 228 -13.98 7.23 5.23
CA LEU A 228 -12.55 7.21 5.48
C LEU A 228 -11.88 8.58 5.42
N TYR A 229 -12.58 9.60 4.96
CA TYR A 229 -12.18 11.00 5.12
C TYR A 229 -10.73 11.29 4.67
N PRO A 230 -10.44 11.20 3.37
CA PRO A 230 -9.09 11.54 2.92
C PRO A 230 -8.78 13.01 3.13
N TYR A 231 -7.48 13.31 3.26
CA TYR A 231 -7.02 14.67 3.40
C TYR A 231 -7.40 15.48 2.16
N PRO A 232 -7.40 16.81 2.28
CA PRO A 232 -7.57 17.64 1.07
C PRO A 232 -6.49 17.31 0.04
N VAL A 233 -6.86 17.45 -1.24
CA VAL A 233 -5.97 17.03 -2.32
C VAL A 233 -4.65 17.78 -2.26
N HIS A 234 -4.68 19.05 -1.87
CA HIS A 234 -3.47 19.85 -1.81
C HIS A 234 -2.65 19.62 -0.54
N HIS A 235 -3.14 18.79 0.38
CA HIS A 235 -2.41 18.51 1.62
C HIS A 235 -1.29 17.52 1.34
N PRO A 236 -0.16 17.63 2.05
CA PRO A 236 0.92 16.66 1.85
C PRO A 236 0.53 15.21 2.07
N CYS A 237 -0.54 14.95 2.83
CA CYS A 237 -1.01 13.60 3.09
C CYS A 237 -2.18 13.20 2.18
N ASP A 238 -2.33 13.92 1.08
CA ASP A 238 -3.28 13.56 0.01
C ASP A 238 -3.29 12.06 -0.23
N ARG A 239 -4.51 11.52 -0.37
CA ARG A 239 -4.86 10.12 -0.59
C ARG A 239 -4.84 9.28 0.69
N GLN A 240 -4.42 9.83 1.82
CA GLN A 240 -4.42 9.09 3.08
C GLN A 240 -5.66 9.42 3.91
N SER A 241 -6.12 8.45 4.68
CA SER A 241 -7.25 8.67 5.56
C SER A 241 -6.83 9.51 6.76
N GLN A 242 -7.69 10.45 7.15
CA GLN A 242 -7.45 11.27 8.33
C GLN A 242 -7.75 10.52 9.62
N VAL A 243 -8.41 9.38 9.55
CA VAL A 243 -8.84 8.66 10.75
C VAL A 243 -7.66 7.90 11.34
N ASP A 244 -7.42 8.11 12.62
CA ASP A 244 -6.48 7.29 13.39
C ASP A 244 -7.18 5.99 13.72
N PHE A 245 -6.85 4.93 12.98
CA PHE A 245 -7.46 3.62 13.19
C PHE A 245 -7.29 3.13 14.63
N ASP A 246 -6.23 3.55 15.32
CA ASP A 246 -6.00 3.12 16.70
C ASP A 246 -6.86 3.87 17.71
N ASN A 247 -7.29 5.08 17.38
CA ASN A 247 -8.12 5.89 18.29
C ASN A 247 -9.03 6.77 17.45
N PRO A 248 -10.08 6.19 16.87
CA PRO A 248 -10.89 6.93 15.90
C PRO A 248 -11.72 8.03 16.57
N ASP A 249 -11.71 9.21 15.93
CA ASP A 249 -12.44 10.38 16.42
C ASP A 249 -13.82 10.37 15.76
N TYR A 250 -14.78 9.75 16.44
CA TYR A 250 -16.13 9.61 15.87
C TYR A 250 -16.85 10.94 15.76
N GLU A 251 -16.44 11.97 16.49
CA GLU A 251 -17.10 13.27 16.38
C GLU A 251 -16.73 13.95 15.07
N ARG A 252 -15.44 13.94 14.72
CA ARG A 252 -14.98 14.47 13.44
C ARG A 252 -15.31 13.55 12.27
N PHE A 253 -15.36 12.24 12.51
CA PHE A 253 -15.46 11.24 11.45
C PHE A 253 -16.57 10.25 11.76
N PRO A 254 -17.83 10.71 11.78
CA PRO A 254 -18.93 9.85 12.25
C PRO A 254 -19.15 8.60 11.40
N ASN A 255 -18.93 8.68 10.09
CA ASN A 255 -19.20 7.54 9.23
C ASN A 255 -18.09 6.50 9.26
N PHE A 256 -17.01 6.72 10.02
CA PHE A 256 -16.04 5.66 10.24
C PHE A 256 -16.66 4.51 11.02
N GLN A 257 -17.76 4.78 11.74
CA GLN A 257 -18.51 3.73 12.42
C GLN A 257 -19.23 2.81 11.45
N ASN A 258 -19.26 3.14 10.16
CA ASN A 258 -19.96 2.35 9.15
C ASN A 258 -19.03 1.58 8.22
N VAL A 259 -17.71 1.72 8.38
CA VAL A 259 -16.77 1.18 7.41
C VAL A 259 -16.66 -0.33 7.59
N VAL A 260 -16.52 -1.03 6.46
CA VAL A 260 -16.35 -2.49 6.42
C VAL A 260 -15.24 -2.79 5.43
N GLY A 261 -14.28 -3.62 5.85
CA GLY A 261 -13.11 -3.90 5.06
C GLY A 261 -13.05 -5.33 4.55
N TYR A 262 -12.15 -5.54 3.60
CA TYR A 262 -11.75 -6.87 3.14
C TYR A 262 -10.35 -7.15 3.66
N GLU A 263 -10.17 -8.32 4.27
CA GLU A 263 -8.96 -8.62 5.03
C GLU A 263 -8.33 -9.92 4.57
N THR A 264 -7.00 -9.96 4.59
CA THR A 264 -6.24 -11.17 4.32
C THR A 264 -4.84 -11.00 4.88
N VAL A 265 -4.20 -12.13 5.16
CA VAL A 265 -2.79 -12.19 5.55
C VAL A 265 -2.03 -12.89 4.43
N VAL A 266 -1.10 -12.18 3.81
CA VAL A 266 -0.32 -12.71 2.71
C VAL A 266 1.06 -13.10 3.21
N GLY A 267 1.53 -14.25 2.76
CA GLY A 267 2.83 -14.73 3.13
C GLY A 267 3.67 -15.03 1.90
N PRO A 268 4.84 -15.64 2.11
CA PRO A 268 5.75 -15.91 0.99
C PRO A 268 5.07 -16.68 -0.12
N GLY A 269 5.23 -16.19 -1.36
CA GLY A 269 4.63 -16.79 -2.52
C GLY A 269 3.27 -16.22 -2.89
N ASP A 270 2.60 -15.54 -1.97
CA ASP A 270 1.30 -14.96 -2.27
C ASP A 270 1.46 -13.68 -3.07
N VAL A 271 0.47 -13.41 -3.92
CA VAL A 271 0.37 -12.15 -4.65
C VAL A 271 -1.03 -11.60 -4.48
N LEU A 272 -1.13 -10.40 -3.92
CA LEU A 272 -2.40 -9.72 -3.74
C LEU A 272 -2.59 -8.66 -4.81
N TYR A 273 -3.73 -8.70 -5.48
CA TYR A 273 -4.12 -7.65 -6.41
C TYR A 273 -4.87 -6.56 -5.65
N ILE A 274 -4.29 -5.36 -5.62
CA ILE A 274 -4.93 -4.20 -5.00
C ILE A 274 -5.44 -3.31 -6.11
N PRO A 275 -6.74 -3.33 -6.42
CA PRO A 275 -7.25 -2.57 -7.56
C PRO A 275 -7.09 -1.08 -7.33
N MET A 276 -6.97 -0.34 -8.43
CA MET A 276 -6.78 1.10 -8.34
C MET A 276 -7.97 1.74 -7.62
N TYR A 277 -7.67 2.78 -6.84
CA TYR A 277 -8.59 3.56 -6.02
C TYR A 277 -9.11 2.79 -4.81
N TRP A 278 -8.70 1.54 -4.61
CA TRP A 278 -9.08 0.80 -3.41
C TRP A 278 -8.19 1.22 -2.25
N TRP A 279 -8.82 1.50 -1.12
CA TRP A 279 -8.07 1.79 0.10
C TRP A 279 -7.32 0.54 0.56
N HIS A 280 -6.13 0.74 1.12
CA HIS A 280 -5.44 -0.39 1.73
C HIS A 280 -4.63 0.06 2.93
N HIS A 281 -4.74 -0.73 4.00
CA HIS A 281 -3.98 -0.58 5.23
C HIS A 281 -3.16 -1.85 5.40
N ILE A 282 -1.83 -1.71 5.43
CA ILE A 282 -0.92 -2.85 5.45
C ILE A 282 -0.10 -2.80 6.74
N GLU A 283 -0.06 -3.92 7.46
CA GLU A 283 0.73 -4.01 8.68
C GLU A 283 1.54 -5.30 8.70
N SER A 284 2.80 -5.17 9.10
CA SER A 284 3.65 -6.34 9.32
C SER A 284 3.30 -6.94 10.68
N LEU A 285 3.12 -8.26 10.70
CA LEU A 285 2.61 -8.93 11.89
C LEU A 285 3.52 -8.70 13.08
N LEU A 286 2.90 -8.43 14.23
CA LEU A 286 3.64 -8.23 15.47
C LEU A 286 4.47 -9.47 15.81
N ASN A 287 5.72 -9.24 16.21
CA ASN A 287 6.64 -10.31 16.62
C ASN A 287 6.84 -11.34 15.51
N GLY A 288 6.72 -10.91 14.26
CA GLY A 288 6.81 -11.79 13.12
C GLY A 288 8.12 -11.72 12.36
N GLY A 289 9.11 -10.99 12.86
CA GLY A 289 10.35 -10.81 12.12
C GLY A 289 10.19 -9.78 11.03
N ILE A 290 11.27 -9.61 10.27
CA ILE A 290 11.26 -8.67 9.15
C ILE A 290 10.31 -9.18 8.07
N THR A 291 9.85 -8.24 7.24
CA THR A 291 9.03 -8.55 6.08
C THR A 291 9.71 -8.02 4.83
N ILE A 292 9.50 -8.73 3.72
CA ILE A 292 10.03 -8.32 2.42
C ILE A 292 8.91 -8.45 1.40
N THR A 293 8.67 -7.38 0.65
CA THR A 293 7.63 -7.33 -0.37
C THR A 293 8.19 -6.65 -1.61
N VAL A 294 7.75 -7.12 -2.78
CA VAL A 294 7.99 -6.43 -4.04
C VAL A 294 6.63 -6.01 -4.61
N ASN A 295 6.50 -4.72 -4.88
CA ASN A 295 5.28 -4.17 -5.45
C ASN A 295 5.48 -3.89 -6.94
N PHE A 296 4.44 -4.11 -7.72
CA PHE A 296 4.39 -3.75 -9.14
C PHE A 296 3.22 -2.81 -9.32
N TRP A 297 3.46 -1.64 -9.92
CA TRP A 297 2.38 -0.68 -10.19
C TRP A 297 2.25 -0.47 -11.68
N TYR A 298 1.01 -0.42 -12.15
CA TYR A 298 0.70 -0.21 -13.55
C TYR A 298 -0.29 0.94 -13.70
N LYS A 299 -0.10 1.74 -14.74
CA LYS A 299 -1.10 2.73 -15.10
C LYS A 299 -2.40 2.04 -15.49
N GLY A 300 -3.52 2.59 -15.03
CA GLY A 300 -4.80 2.02 -15.38
C GLY A 300 -5.08 2.09 -16.87
N ALA A 301 -6.05 1.30 -17.30
CA ALA A 301 -6.48 1.33 -18.68
C ALA A 301 -7.11 2.69 -19.00
N PRO A 302 -6.99 3.15 -20.25
CA PRO A 302 -7.64 4.41 -20.63
C PRO A 302 -9.16 4.31 -20.46
N THR A 303 -9.75 5.41 -20.02
CA THR A 303 -11.18 5.43 -19.75
C THR A 303 -11.95 5.16 -21.04
N PRO A 304 -12.99 4.34 -20.99
CA PRO A 304 -13.78 4.07 -22.20
C PRO A 304 -14.47 5.33 -22.68
N LYS A 305 -14.41 5.56 -24.00
CA LYS A 305 -14.89 6.81 -24.57
C LYS A 305 -16.41 6.96 -24.45
N ARG A 306 -17.15 5.86 -24.34
CA ARG A 306 -18.59 5.91 -24.13
C ARG A 306 -18.84 5.75 -22.64
N ILE A 307 -18.95 6.88 -21.94
CA ILE A 307 -19.13 6.86 -20.49
C ILE A 307 -20.50 6.27 -20.16
N GLU A 308 -20.51 5.29 -19.26
CA GLU A 308 -21.70 4.54 -18.93
C GLU A 308 -22.22 4.98 -17.56
N TYR A 309 -23.47 5.46 -17.52
CA TYR A 309 -24.11 6.00 -16.34
C TYR A 309 -25.00 4.96 -15.67
N PRO A 310 -25.16 5.06 -14.33
CA PRO A 310 -24.50 5.99 -13.41
C PRO A 310 -23.05 5.59 -13.18
N LEU A 311 -22.20 6.52 -12.75
CA LEU A 311 -20.78 6.26 -12.71
C LEU A 311 -20.42 5.30 -11.58
N LYS A 312 -19.24 4.70 -11.72
CA LYS A 312 -18.67 3.90 -10.64
C LYS A 312 -18.09 4.82 -9.58
N ALA A 313 -17.92 4.26 -8.37
CA ALA A 313 -17.45 5.07 -7.25
C ALA A 313 -16.09 5.69 -7.53
N HIS A 314 -15.19 4.93 -8.16
CA HIS A 314 -13.83 5.43 -8.38
C HIS A 314 -13.82 6.57 -9.40
N GLN A 315 -14.79 6.60 -10.32
CA GLN A 315 -14.91 7.74 -11.22
C GLN A 315 -15.39 8.98 -10.49
N LYS A 316 -16.24 8.81 -9.48
CA LYS A 316 -16.65 9.96 -8.67
C LYS A 316 -15.49 10.49 -7.84
N VAL A 317 -14.61 9.58 -7.39
CA VAL A 317 -13.41 10.00 -6.67
C VAL A 317 -12.55 10.88 -7.57
N ALA A 318 -12.33 10.44 -8.82
CA ALA A 318 -11.52 11.21 -9.74
C ALA A 318 -12.15 12.57 -10.05
N ILE A 319 -13.48 12.62 -10.14
CA ILE A 319 -14.17 13.88 -10.37
C ILE A 319 -13.94 14.82 -9.19
N MET A 320 -14.03 14.29 -7.96
CA MET A 320 -13.82 15.12 -6.77
C MET A 320 -12.38 15.63 -6.70
N ARG A 321 -11.42 14.76 -7.01
CA ARG A 321 -10.02 15.18 -7.04
C ARG A 321 -9.81 16.32 -8.02
N ASN A 322 -10.39 16.19 -9.22
N ASN A 322 -10.39 16.19 -9.22
CA ASN A 322 -10.19 17.22 -10.24
CA ASN A 322 -10.20 17.21 -10.24
C ASN A 322 -10.84 18.53 -9.84
C ASN A 322 -10.84 18.53 -9.84
N ILE A 323 -12.01 18.48 -9.18
CA ILE A 323 -12.67 19.71 -8.74
C ILE A 323 -11.79 20.45 -7.74
N GLU A 324 -11.22 19.71 -6.78
CA GLU A 324 -10.32 20.31 -5.81
C GLU A 324 -9.08 20.89 -6.47
N LYS A 325 -8.54 20.19 -7.46
CA LYS A 325 -7.35 20.70 -8.16
C LYS A 325 -7.68 21.99 -8.92
N MET A 326 -8.72 21.95 -9.75
CA MET A 326 -9.06 23.13 -10.56
C MET A 326 -9.43 24.32 -9.69
N LEU A 327 -10.13 24.07 -8.58
CA LEU A 327 -10.47 25.15 -7.66
C LEU A 327 -9.23 25.78 -7.05
N GLY A 328 -8.24 24.96 -6.69
CA GLY A 328 -7.01 25.50 -6.13
C GLY A 328 -6.26 26.38 -7.11
N GLU A 329 -6.30 26.03 -8.40
CA GLU A 329 -5.63 26.84 -9.40
C GLU A 329 -6.42 28.11 -9.70
N ALA A 330 -7.75 28.00 -9.80
CA ALA A 330 -8.59 29.14 -10.14
C ALA A 330 -8.55 30.21 -9.06
N LEU A 331 -8.53 29.80 -7.79
CA LEU A 331 -8.49 30.76 -6.69
C LEU A 331 -7.10 31.30 -6.43
N GLY A 332 -6.06 30.71 -7.02
CA GLY A 332 -4.70 31.16 -6.81
C GLY A 332 -4.10 30.80 -5.46
N ASN A 333 -4.78 29.97 -4.68
CA ASN A 333 -4.39 29.62 -3.32
C ASN A 333 -5.22 28.43 -2.85
N PRO A 334 -4.61 27.25 -2.72
CA PRO A 334 -5.40 26.06 -2.31
C PRO A 334 -6.02 26.17 -0.93
N GLN A 335 -5.57 27.10 -0.09
CA GLN A 335 -6.18 27.26 1.22
C GLN A 335 -7.58 27.86 1.15
N GLU A 336 -7.94 28.47 0.02
CA GLU A 336 -9.28 29.01 -0.17
C GLU A 336 -10.27 27.98 -0.70
N VAL A 337 -9.82 26.76 -0.99
CA VAL A 337 -10.72 25.75 -1.54
C VAL A 337 -11.85 25.45 -0.56
N GLY A 338 -11.50 25.21 0.70
CA GLY A 338 -12.46 24.87 1.73
C GLY A 338 -13.55 25.91 1.90
N PRO A 339 -13.16 27.15 2.21
CA PRO A 339 -14.17 28.22 2.34
C PRO A 339 -15.10 28.36 1.15
N LEU A 340 -14.60 28.30 -0.08
CA LEU A 340 -15.48 28.45 -1.23
C LEU A 340 -16.43 27.25 -1.36
N LEU A 341 -15.91 26.04 -1.13
CA LEU A 341 -16.78 24.86 -1.17
C LEU A 341 -17.89 24.95 -0.14
N ASN A 342 -17.58 25.47 1.05
CA ASN A 342 -18.62 25.68 2.06
C ASN A 342 -19.61 26.74 1.61
N THR A 343 -19.11 27.84 1.06
CA THR A 343 -19.99 28.87 0.48
C THR A 343 -20.95 28.26 -0.52
N MET A 344 -20.48 27.35 -1.36
CA MET A 344 -21.32 26.75 -2.40
C MET A 344 -22.43 25.91 -1.79
N ILE A 345 -22.17 25.28 -0.65
CA ILE A 345 -23.03 24.22 -0.15
C ILE A 345 -24.03 24.73 0.89
N LYS A 346 -23.57 25.58 1.80
CA LYS A 346 -24.36 25.91 2.99
C LYS A 346 -25.69 26.55 2.63
N GLY A 347 -26.78 25.94 3.10
CA GLY A 347 -28.12 26.42 2.81
C GLY A 347 -28.54 26.30 1.36
N ARG A 348 -27.78 25.54 0.55
CA ARG A 348 -28.09 25.38 -0.87
C ARG A 348 -28.16 23.92 -1.24
N TYR A 349 -27.19 23.12 -0.78
CA TYR A 349 -27.12 21.70 -1.09
C TYR A 349 -27.07 20.81 0.14
N ASN A 350 -27.24 21.37 1.35
CA ASN A 350 -27.20 20.54 2.56
C ASN A 350 -28.40 20.80 3.48
#